data_4XUQ
#
_entry.id   4XUQ
#
_cell.length_a   92.455
_cell.length_b   92.455
_cell.length_c   48.425
_cell.angle_alpha   90.00
_cell.angle_beta   90.00
_cell.angle_gamma   120.00
#
_symmetry.space_group_name_H-M   'P 32'
#
loop_
_entity.id
_entity.type
_entity.pdbx_description
1 polymer 'Endo-1,4-beta-xylanase C'
2 branched beta-D-xylopyranose-(1-4)-beta-D-xylopyranose
3 non-polymer beta-D-xylopyranose
4 non-polymer 'CALCIUM ION'
5 water water
#
_entity_poly.entity_id   1
_entity_poly.type   'polypeptide(L)'
_entity_poly.pdbx_seq_one_letter_code
;APENPGEPGEAGQALFKADFEDGNIGNWRARGTEKLEVVSGIGHNSNRSLKTSSRSETYHGPLVEVLPYLQKGSTVHISF
WAMYDEGPATQVINGSLEKEFNRDTANLEYAMFASTTLNKGQWKKIEADIIVPAESTGISGLRMYAETPWKQSSEVTETD
TIPFYVDDVQITATEAIAIEK
;
_entity_poly.pdbx_strand_id   A,B,C
#
loop_
_chem_comp.id
_chem_comp.type
_chem_comp.name
_chem_comp.formula
CA non-polymer 'CALCIUM ION' 'Ca 2'
XYP D-saccharide, beta linking beta-D-xylopyranose 'C5 H10 O5'
#
# COMPACT_ATOMS: atom_id res chain seq x y z
N ALA A 14 23.99 -11.49 -1.48
CA ALA A 14 22.64 -11.92 -1.04
C ALA A 14 22.72 -13.21 -0.29
N LEU A 15 22.04 -13.29 0.84
CA LEU A 15 21.84 -14.55 1.54
C LEU A 15 20.66 -15.36 0.95
N PHE A 16 19.72 -14.64 0.36
CA PHE A 16 18.49 -15.23 -0.17
C PHE A 16 17.96 -14.26 -1.21
N LYS A 17 17.50 -14.82 -2.32
CA LYS A 17 16.89 -14.03 -3.39
C LYS A 17 15.81 -14.79 -4.09
N ALA A 18 14.69 -14.13 -4.33
CA ALA A 18 13.60 -14.70 -5.12
C ALA A 18 13.11 -13.65 -6.10
N ASP A 19 13.31 -13.90 -7.37
CA ASP A 19 12.78 -13.01 -8.44
C ASP A 19 11.67 -13.68 -9.28
N PHE A 20 11.41 -14.98 -9.01
CA PHE A 20 10.38 -15.78 -9.66
C PHE A 20 10.51 -15.96 -11.18
N GLU A 21 11.67 -15.57 -11.70
CA GLU A 21 11.87 -15.53 -13.17
C GLU A 21 11.95 -16.93 -13.76
N ASP A 22 12.33 -17.89 -12.93
CA ASP A 22 12.30 -19.31 -13.32
C ASP A 22 10.88 -19.91 -13.28
N GLY A 23 9.90 -19.17 -12.77
CA GLY A 23 8.53 -19.65 -12.68
C GLY A 23 8.26 -20.62 -11.59
N ASN A 24 9.22 -20.78 -10.67
CA ASN A 24 9.05 -21.77 -9.61
C ASN A 24 8.52 -21.15 -8.32
N ILE A 25 7.58 -21.85 -7.72
CA ILE A 25 7.03 -21.45 -6.41
C ILE A 25 8.03 -21.69 -5.29
N GLY A 26 8.88 -22.71 -5.48
CA GLY A 26 9.89 -23.07 -4.49
C GLY A 26 9.23 -23.44 -3.19
N ASN A 27 9.73 -22.87 -2.11
CA ASN A 27 9.21 -23.12 -0.79
C ASN A 27 8.17 -22.11 -0.28
N TRP A 28 7.75 -21.20 -1.15
CA TRP A 28 6.74 -20.24 -0.77
C TRP A 28 5.43 -20.97 -0.49
N ARG A 29 4.71 -20.51 0.50
CA ARG A 29 3.49 -21.17 0.95
C ARG A 29 2.47 -20.13 1.42
N ALA A 30 1.18 -20.51 1.33
CA ALA A 30 0.08 -19.83 1.99
C ALA A 30 0.10 -20.00 3.52
N ARG A 31 -0.59 -19.09 4.21
CA ARG A 31 -0.74 -19.13 5.67
C ARG A 31 -2.11 -19.66 6.10
N GLY A 32 -3.07 -19.67 5.20
CA GLY A 32 -4.36 -20.23 5.55
C GLY A 32 -4.96 -20.85 4.34
N THR A 33 -6.10 -20.30 3.91
CA THR A 33 -6.85 -20.83 2.73
C THR A 33 -6.62 -20.13 1.44
N GLU A 34 -5.67 -19.21 1.41
CA GLU A 34 -5.40 -18.42 0.22
C GLU A 34 -4.60 -19.18 -0.86
N LYS A 35 -4.55 -18.57 -2.02
CA LYS A 35 -3.91 -19.16 -3.20
C LYS A 35 -2.66 -18.41 -3.62
N LEU A 36 -1.56 -19.12 -3.77
CA LEU A 36 -0.32 -18.53 -4.32
C LEU A 36 -0.07 -19.03 -5.72
N GLU A 37 0.41 -18.15 -6.57
CA GLU A 37 0.72 -18.53 -7.98
C GLU A 37 1.78 -17.68 -8.55
N VAL A 38 2.76 -18.28 -9.18
CA VAL A 38 3.73 -17.50 -9.93
C VAL A 38 3.06 -17.14 -11.24
N VAL A 39 2.91 -15.85 -11.50
CA VAL A 39 2.25 -15.42 -12.73
C VAL A 39 3.28 -14.90 -13.71
N SER A 40 2.95 -14.94 -15.00
CA SER A 40 3.78 -14.28 -16.00
C SER A 40 3.03 -13.07 -16.58
N GLY A 41 3.76 -12.08 -17.05
CA GLY A 41 3.18 -10.83 -17.58
C GLY A 41 3.03 -9.71 -16.56
N ILE A 42 3.34 -10.02 -15.30
CA ILE A 42 3.30 -9.04 -14.22
C ILE A 42 4.56 -9.29 -13.35
N GLY A 43 5.32 -8.23 -13.12
CA GLY A 43 6.50 -8.32 -12.29
C GLY A 43 7.11 -6.96 -12.12
N HIS A 44 8.04 -6.85 -11.17
CA HIS A 44 8.75 -5.61 -10.93
C HIS A 44 9.92 -5.58 -11.92
N ASN A 45 9.86 -4.69 -12.91
CA ASN A 45 10.86 -4.68 -14.00
C ASN A 45 11.23 -6.04 -14.51
N SER A 46 10.23 -6.87 -14.71
CA SER A 46 10.45 -8.29 -15.02
C SER A 46 9.13 -8.88 -15.37
N ASN A 47 9.17 -10.11 -15.83
CA ASN A 47 8.01 -10.71 -16.38
C ASN A 47 7.23 -11.61 -15.44
N ARG A 48 7.83 -11.98 -14.29
CA ARG A 48 7.18 -12.86 -13.34
C ARG A 48 7.21 -12.34 -11.88
N SER A 49 6.21 -12.75 -11.14
CA SER A 49 6.10 -12.43 -9.73
C SER A 49 5.14 -13.38 -9.04
N LEU A 50 5.05 -13.27 -7.71
CA LEU A 50 4.26 -14.18 -6.90
C LEU A 50 2.97 -13.48 -6.55
N LYS A 51 1.86 -13.99 -7.07
CA LYS A 51 0.51 -13.43 -6.77
C LYS A 51 -0.16 -14.20 -5.65
N THR A 52 -0.71 -13.46 -4.68
CA THR A 52 -1.51 -14.04 -3.64
C THR A 52 -2.96 -13.57 -3.83
N SER A 53 -3.89 -14.52 -3.91
CA SER A 53 -5.33 -14.22 -4.13
C SER A 53 -6.16 -15.17 -3.32
N SER A 54 -7.47 -15.04 -3.45
CA SER A 54 -8.41 -15.76 -2.57
C SER A 54 -8.09 -15.52 -1.09
N ARG A 55 -7.64 -14.31 -0.74
CA ARG A 55 -7.42 -13.93 0.66
C ARG A 55 -8.76 -13.61 1.33
N SER A 56 -8.99 -14.16 2.50
CA SER A 56 -10.23 -13.90 3.29
C SER A 56 -9.89 -13.54 4.73
N GLU A 57 -8.63 -13.21 4.99
CA GLU A 57 -8.18 -12.68 6.28
C GLU A 57 -7.04 -11.71 5.97
N THR A 58 -6.82 -10.72 6.85
CA THR A 58 -5.70 -9.80 6.67
C THR A 58 -4.34 -10.51 6.68
N TYR A 59 -4.29 -11.60 7.42
CA TYR A 59 -3.05 -12.33 7.66
C TYR A 59 -2.71 -13.37 6.60
N HIS A 60 -3.60 -13.51 5.63
CA HIS A 60 -3.31 -14.26 4.44
C HIS A 60 -2.32 -13.52 3.55
N GLY A 61 -1.32 -14.26 3.09
CA GLY A 61 -0.24 -13.68 2.32
C GLY A 61 0.85 -14.70 2.10
N PRO A 62 1.78 -14.37 1.22
CA PRO A 62 2.84 -15.32 0.85
C PRO A 62 3.92 -15.39 1.94
N LEU A 63 4.34 -16.61 2.24
CA LEU A 63 5.27 -16.87 3.33
C LEU A 63 6.40 -17.74 2.83
N VAL A 64 7.61 -17.46 3.33
CA VAL A 64 8.71 -18.38 3.10
C VAL A 64 9.62 -18.55 4.34
N GLU A 65 10.02 -19.77 4.61
CA GLU A 65 10.97 -20.08 5.73
C GLU A 65 12.35 -19.56 5.29
N VAL A 66 12.98 -18.77 6.12
CA VAL A 66 14.30 -18.21 5.79
C VAL A 66 15.38 -18.50 6.81
N LEU A 67 15.00 -19.07 7.93
CA LEU A 67 16.03 -19.36 8.98
C LEU A 67 17.26 -20.18 8.45
N PRO A 68 17.04 -21.19 7.61
CA PRO A 68 18.21 -21.93 7.14
C PRO A 68 19.21 -21.12 6.35
N TYR A 69 18.78 -20.02 5.75
CA TYR A 69 19.66 -19.17 5.03
C TYR A 69 20.51 -18.26 5.87
N LEU A 70 20.25 -18.20 7.19
CA LEU A 70 20.72 -17.14 8.02
C LEU A 70 21.48 -17.68 9.19
N GLN A 71 22.33 -16.84 9.74
CA GLN A 71 23.02 -17.17 10.99
C GLN A 71 22.22 -16.62 12.20
N LYS A 72 21.96 -17.50 13.14
CA LYS A 72 21.33 -17.11 14.42
C LYS A 72 22.23 -16.12 15.16
N GLY A 73 21.60 -15.06 15.67
CA GLY A 73 22.28 -13.98 16.41
C GLY A 73 22.88 -12.90 15.52
N SER A 74 22.45 -12.80 14.29
CA SER A 74 22.95 -11.84 13.32
C SER A 74 21.89 -10.82 13.03
N THR A 75 22.30 -9.70 12.44
CA THR A 75 21.36 -8.75 11.86
C THR A 75 21.47 -8.83 10.31
N VAL A 76 20.35 -8.93 9.64
CA VAL A 76 20.27 -8.94 8.19
C VAL A 76 19.28 -7.91 7.68
N HIS A 77 19.36 -7.60 6.40
CA HIS A 77 18.51 -6.64 5.74
C HIS A 77 17.57 -7.36 4.81
N ILE A 78 16.26 -7.22 5.05
CA ILE A 78 15.26 -7.87 4.25
C ILE A 78 14.54 -6.80 3.43
N SER A 79 14.39 -7.06 2.14
CA SER A 79 13.55 -6.21 1.28
C SER A 79 12.72 -7.03 0.32
N PHE A 80 11.60 -6.45 -0.13
CA PHE A 80 10.84 -6.99 -1.26
C PHE A 80 10.00 -5.87 -1.88
N TRP A 81 9.51 -6.14 -3.07
CA TRP A 81 8.69 -5.19 -3.81
C TRP A 81 7.30 -5.76 -3.83
N ALA A 82 6.34 -4.87 -3.71
CA ALA A 82 4.96 -5.27 -3.68
C ALA A 82 4.13 -4.34 -4.58
N MET A 83 3.01 -4.87 -5.06
CA MET A 83 2.07 -4.14 -5.91
C MET A 83 0.69 -4.79 -5.80
N TYR A 84 -0.34 -3.95 -5.83
CA TYR A 84 -1.70 -4.43 -6.01
C TYR A 84 -2.36 -3.59 -7.08
N ASP A 85 -3.34 -4.15 -7.75
CA ASP A 85 -3.98 -3.44 -8.89
C ASP A 85 -5.50 -3.58 -8.94
N GLU A 86 -6.14 -3.79 -7.81
CA GLU A 86 -7.60 -3.70 -7.72
C GLU A 86 -8.05 -3.24 -6.34
N GLY A 87 -9.22 -2.65 -6.28
CA GLY A 87 -9.83 -2.18 -5.01
C GLY A 87 -9.49 -0.71 -4.72
N PRO A 88 -9.02 -0.41 -3.50
CA PRO A 88 -8.87 0.96 -3.09
C PRO A 88 -7.74 1.71 -3.78
N ALA A 89 -7.77 3.01 -3.66
CA ALA A 89 -6.78 3.89 -4.29
C ALA A 89 -5.40 3.68 -3.63
N THR A 90 -5.42 3.49 -2.31
CA THR A 90 -4.21 3.19 -1.54
C THR A 90 -4.48 2.07 -0.56
N GLN A 91 -3.39 1.38 -0.17
CA GLN A 91 -3.49 0.29 0.75
C GLN A 91 -2.11 0.07 1.38
N VAL A 92 -2.13 -0.20 2.67
CA VAL A 92 -0.92 -0.50 3.37
C VAL A 92 -0.61 -2.00 3.18
N ILE A 93 0.67 -2.29 2.95
CA ILE A 93 1.16 -3.67 3.03
C ILE A 93 2.26 -3.76 4.06
N ASN A 94 2.29 -4.87 4.77
CA ASN A 94 3.27 -5.08 5.84
C ASN A 94 4.20 -6.22 5.48
N GLY A 95 5.45 -6.12 5.92
CA GLY A 95 6.36 -7.25 5.89
C GLY A 95 6.46 -7.72 7.33
N SER A 96 6.27 -9.02 7.54
CA SER A 96 6.22 -9.60 8.88
C SER A 96 7.06 -10.88 8.97
N LEU A 97 7.36 -11.25 10.22
CA LEU A 97 8.07 -12.47 10.56
C LEU A 97 7.20 -13.38 11.40
N GLU A 98 7.19 -14.66 11.08
CA GLU A 98 6.57 -15.70 11.89
C GLU A 98 7.69 -16.52 12.49
N LYS A 99 7.71 -16.59 13.79
CA LYS A 99 8.75 -17.25 14.54
C LYS A 99 8.24 -18.43 15.33
N GLU A 100 9.02 -19.48 15.32
CA GLU A 100 8.75 -20.71 16.07
C GLU A 100 9.93 -21.01 16.93
N PHE A 101 9.67 -21.40 18.19
CA PHE A 101 10.74 -21.69 19.17
C PHE A 101 10.51 -23.11 19.71
N ASN A 102 11.61 -23.79 19.94
CA ASN A 102 11.56 -25.18 20.48
C ASN A 102 10.68 -26.12 19.69
N ARG A 103 10.56 -25.91 18.39
CA ARG A 103 9.69 -26.68 17.50
C ARG A 103 8.23 -26.81 18.00
N ASP A 104 7.77 -25.79 18.70
CA ASP A 104 6.39 -25.74 19.16
C ASP A 104 5.51 -25.00 18.18
N THR A 105 4.81 -25.77 17.37
CA THR A 105 3.96 -25.21 16.28
C THR A 105 2.69 -24.56 16.82
N ALA A 106 2.39 -24.83 18.07
CA ALA A 106 1.17 -24.26 18.71
C ALA A 106 1.42 -22.96 19.46
N ASN A 107 2.63 -22.44 19.39
CA ASN A 107 2.97 -21.24 20.16
C ASN A 107 3.82 -20.27 19.33
N LEU A 108 3.36 -19.99 18.13
CA LEU A 108 4.08 -19.12 17.21
C LEU A 108 4.01 -17.70 17.65
N GLU A 109 4.96 -16.89 17.22
CA GLU A 109 4.82 -15.47 17.39
C GLU A 109 5.03 -14.75 16.08
N TYR A 110 4.56 -13.53 16.03
CA TYR A 110 4.57 -12.73 14.81
C TYR A 110 5.06 -11.33 15.11
N ALA A 111 5.82 -10.73 14.21
CA ALA A 111 6.26 -9.33 14.34
C ALA A 111 6.26 -8.66 12.99
N MET A 112 5.75 -7.44 12.92
CA MET A 112 5.85 -6.64 11.69
C MET A 112 7.23 -6.01 11.63
N PHE A 113 7.93 -6.17 10.55
CA PHE A 113 9.24 -5.54 10.45
C PHE A 113 9.23 -4.28 9.61
N ALA A 114 8.23 -4.15 8.72
CA ALA A 114 8.10 -2.95 7.91
C ALA A 114 6.70 -2.85 7.31
N SER A 115 6.43 -1.66 6.80
CA SER A 115 5.13 -1.27 6.34
C SER A 115 5.32 -0.10 5.38
N THR A 116 4.60 -0.13 4.28
CA THR A 116 4.49 1.03 3.41
C THR A 116 3.07 1.13 2.88
N THR A 117 2.69 2.35 2.47
CA THR A 117 1.45 2.59 1.78
C THR A 117 1.71 2.54 0.29
N LEU A 118 1.01 1.65 -0.37
CA LEU A 118 1.09 1.54 -1.81
C LEU A 118 -0.06 2.25 -2.50
N ASN A 119 0.23 2.73 -3.69
CA ASN A 119 -0.77 3.27 -4.61
C ASN A 119 -1.16 2.20 -5.57
N LYS A 120 -2.45 2.05 -5.79
CA LYS A 120 -2.96 1.06 -6.80
C LYS A 120 -2.16 1.09 -8.12
N GLY A 121 -1.67 -0.08 -8.51
CA GLY A 121 -0.86 -0.25 -9.70
C GLY A 121 0.63 0.05 -9.66
N GLN A 122 1.12 0.60 -8.57
CA GLN A 122 2.52 1.04 -8.42
C GLN A 122 3.32 0.08 -7.51
N TRP A 123 4.46 -0.38 -8.02
CA TRP A 123 5.38 -1.20 -7.25
C TRP A 123 6.11 -0.37 -6.25
N LYS A 124 6.31 -0.92 -5.08
CA LYS A 124 7.00 -0.19 -4.06
C LYS A 124 7.78 -1.14 -3.15
N LYS A 125 8.90 -0.65 -2.62
CA LYS A 125 9.80 -1.48 -1.82
C LYS A 125 9.42 -1.42 -0.34
N ILE A 126 9.42 -2.59 0.31
CA ILE A 126 9.21 -2.70 1.75
C ILE A 126 10.55 -3.23 2.27
N GLU A 127 11.15 -2.60 3.26
CA GLU A 127 12.45 -3.06 3.72
C GLU A 127 12.74 -2.67 5.15
N ALA A 128 13.63 -3.45 5.79
CA ALA A 128 14.12 -3.14 7.16
C ALA A 128 15.25 -4.06 7.52
N ASP A 129 16.01 -3.66 8.53
CA ASP A 129 16.92 -4.57 9.21
C ASP A 129 16.11 -5.46 10.15
N ILE A 130 16.43 -6.72 10.23
CA ILE A 130 15.84 -7.58 11.23
C ILE A 130 16.93 -8.29 11.98
N ILE A 131 16.57 -8.69 13.17
CA ILE A 131 17.43 -9.46 14.06
C ILE A 131 17.01 -10.93 13.97
N VAL A 132 17.98 -11.79 13.77
CA VAL A 132 17.76 -13.23 13.83
C VAL A 132 18.09 -13.63 15.27
N PRO A 133 17.08 -14.09 16.04
CA PRO A 133 17.38 -14.48 17.45
C PRO A 133 18.50 -15.51 17.56
N ALA A 134 19.19 -15.46 18.69
CA ALA A 134 20.31 -16.34 18.98
C ALA A 134 19.89 -17.81 19.16
N GLU A 135 20.88 -18.70 18.95
CA GLU A 135 20.72 -20.14 19.16
C GLU A 135 20.08 -20.45 20.51
N SER A 136 20.53 -19.78 21.56
CA SER A 136 20.08 -20.06 22.93
C SER A 136 18.62 -19.65 23.21
N THR A 137 17.96 -18.94 22.30
CA THR A 137 16.53 -18.77 22.37
C THR A 137 15.73 -20.06 22.08
N GLY A 138 16.35 -21.01 21.41
CA GLY A 138 15.67 -22.21 20.93
C GLY A 138 14.88 -21.89 19.64
N ILE A 139 15.14 -20.75 18.98
CA ILE A 139 14.46 -20.43 17.68
C ILE A 139 14.61 -21.62 16.72
N SER A 140 13.49 -22.07 16.13
CA SER A 140 13.49 -23.22 15.22
C SER A 140 12.84 -22.92 13.85
N GLY A 141 12.15 -21.79 13.74
CA GLY A 141 11.62 -21.30 12.47
C GLY A 141 11.60 -19.81 12.46
N LEU A 142 11.84 -19.22 11.30
CA LEU A 142 11.74 -17.79 11.10
C LEU A 142 11.33 -17.59 9.68
N ARG A 143 10.09 -17.14 9.48
CA ARG A 143 9.52 -17.06 8.11
C ARG A 143 9.16 -15.64 7.84
N MET A 144 9.52 -15.17 6.67
CA MET A 144 9.07 -13.90 6.25
C MET A 144 7.79 -14.01 5.47
N TYR A 145 6.92 -13.01 5.63
CA TYR A 145 5.67 -12.98 4.88
C TYR A 145 5.17 -11.55 4.68
N ALA A 146 4.26 -11.41 3.74
CA ALA A 146 3.57 -10.15 3.51
C ALA A 146 2.13 -10.32 3.84
N GLU A 147 1.51 -9.24 4.32
CA GLU A 147 0.12 -9.23 4.69
C GLU A 147 -0.40 -7.79 4.71
N THR A 148 -1.67 -7.63 4.99
CA THR A 148 -2.26 -6.31 5.19
C THR A 148 -2.43 -6.11 6.68
N PRO A 149 -2.57 -4.84 7.14
CA PRO A 149 -2.54 -4.60 8.60
C PRO A 149 -3.55 -5.41 9.37
N TRP A 150 -3.06 -5.97 10.47
CA TRP A 150 -3.78 -6.84 11.32
C TRP A 150 -5.02 -6.18 11.82
N LYS A 151 -6.09 -6.94 11.68
CA LYS A 151 -7.26 -6.83 12.52
C LYS A 151 -8.07 -8.14 12.33
N GLN A 152 -9.09 -8.34 13.15
CA GLN A 152 -9.73 -9.68 13.30
C GLN A 152 -10.81 -10.01 12.26
N SER A 153 -11.21 -11.29 12.25
CA SER A 153 -12.21 -11.85 11.33
C SER A 153 -13.48 -11.03 11.17
N SER A 154 -14.08 -10.62 12.30
CA SER A 154 -15.35 -9.84 12.31
C SER A 154 -15.28 -8.44 11.66
N GLU A 155 -14.11 -7.82 11.80
CA GLU A 155 -13.83 -6.48 11.25
C GLU A 155 -13.29 -6.50 9.79
N VAL A 156 -12.99 -7.68 9.26
CA VAL A 156 -12.36 -7.80 7.93
C VAL A 156 -13.29 -7.34 6.81
N THR A 157 -12.77 -6.52 5.94
CA THR A 157 -13.50 -6.04 4.77
C THR A 157 -12.79 -6.40 3.48
N GLU A 158 -13.49 -6.25 2.39
CA GLU A 158 -12.92 -6.48 1.09
C GLU A 158 -11.64 -5.65 0.75
N THR A 159 -11.54 -4.39 1.16
CA THR A 159 -10.34 -3.59 0.91
C THR A 159 -9.10 -4.20 1.61
N ASP A 160 -9.33 -4.85 2.75
CA ASP A 160 -8.30 -5.54 3.50
C ASP A 160 -7.70 -6.78 2.81
N THR A 161 -8.53 -7.48 2.05
CA THR A 161 -8.25 -8.79 1.48
C THR A 161 -8.05 -8.82 -0.02
N ILE A 162 -7.66 -7.69 -0.55
CA ILE A 162 -7.35 -7.61 -1.93
C ILE A 162 -6.14 -8.48 -2.34
N PRO A 163 -6.15 -9.00 -3.58
CA PRO A 163 -5.00 -9.77 -4.04
C PRO A 163 -3.82 -8.83 -4.20
N PHE A 164 -2.61 -9.38 -4.08
CA PHE A 164 -1.41 -8.60 -4.30
C PHE A 164 -0.23 -9.43 -4.75
N TYR A 165 0.75 -8.76 -5.31
CA TYR A 165 1.93 -9.36 -5.92
C TYR A 165 3.16 -8.98 -5.07
N VAL A 166 4.11 -9.92 -4.99
CA VAL A 166 5.43 -9.64 -4.49
C VAL A 166 6.51 -10.12 -5.46
N ASP A 167 7.67 -9.50 -5.38
CA ASP A 167 8.75 -9.77 -6.30
C ASP A 167 10.03 -9.26 -5.71
N ASP A 168 11.14 -9.75 -6.26
CA ASP A 168 12.48 -9.22 -5.95
C ASP A 168 12.75 -9.25 -4.42
N VAL A 169 12.52 -10.41 -3.84
CA VAL A 169 12.65 -10.61 -2.40
C VAL A 169 14.14 -10.86 -2.18
N GLN A 170 14.71 -10.15 -1.24
CA GLN A 170 16.11 -10.24 -1.04
C GLN A 170 16.48 -10.11 0.42
N ILE A 171 17.44 -10.92 0.86
CA ILE A 171 18.00 -10.78 2.21
C ILE A 171 19.50 -10.66 2.05
N THR A 172 20.06 -9.67 2.70
CA THR A 172 21.46 -9.33 2.61
C THR A 172 22.08 -9.24 4.01
N ALA A 173 23.34 -9.62 4.09
CA ALA A 173 24.19 -9.39 5.30
C ALA A 173 24.47 -7.91 5.56
N THR A 174 24.75 -7.55 6.81
CA THR A 174 24.97 -6.14 7.21
C THR A 174 26.34 -5.85 7.86
N ALA B 14 22.09 32.59 13.52
CA ALA B 14 21.57 31.71 12.42
C ALA B 14 20.68 32.52 11.44
N LEU B 15 21.00 32.40 10.16
CA LEU B 15 20.19 32.92 9.06
C LEU B 15 19.07 31.95 8.70
N PHE B 16 19.30 30.67 8.96
CA PHE B 16 18.31 29.60 8.68
C PHE B 16 18.58 28.51 9.69
N LYS B 17 17.53 27.92 10.22
CA LYS B 17 17.64 26.79 11.14
C LYS B 17 16.41 25.91 11.03
N ALA B 18 16.63 24.62 10.93
CA ALA B 18 15.57 23.65 10.95
C ALA B 18 15.96 22.56 11.96
N ASP B 19 15.23 22.51 13.06
CA ASP B 19 15.45 21.46 14.08
C ASP B 19 14.28 20.46 14.16
N PHE B 20 13.20 20.77 13.44
CA PHE B 20 12.02 19.89 13.31
C PHE B 20 11.24 19.62 14.61
N GLU B 21 11.57 20.37 15.64
CA GLU B 21 10.99 20.17 16.98
C GLU B 21 9.53 20.56 17.06
N ASP B 22 9.10 21.47 16.20
CA ASP B 22 7.66 21.77 16.01
C ASP B 22 6.93 20.68 15.22
N GLY B 23 7.63 19.68 14.71
CA GLY B 23 7.01 18.59 13.96
C GLY B 23 6.58 18.97 12.55
N ASN B 24 7.06 20.09 12.04
CA ASN B 24 6.64 20.61 10.74
C ASN B 24 7.66 20.35 9.62
N ILE B 25 7.13 19.89 8.51
CA ILE B 25 7.91 19.67 7.27
C ILE B 25 8.41 20.99 6.66
N GLY B 26 7.67 22.07 6.91
CA GLY B 26 7.97 23.35 6.33
C GLY B 26 8.00 23.24 4.82
N ASN B 27 9.04 23.83 4.22
CA ASN B 27 9.21 23.80 2.75
C ASN B 27 10.15 22.72 2.23
N TRP B 28 10.52 21.79 3.08
CA TRP B 28 11.37 20.68 2.63
C TRP B 28 10.63 19.82 1.65
N ARG B 29 11.35 19.32 0.66
CA ARG B 29 10.72 18.49 -0.38
C ARG B 29 11.65 17.38 -0.86
N ALA B 30 11.04 16.37 -1.44
CA ALA B 30 11.70 15.34 -2.19
C ALA B 30 12.26 15.87 -3.53
N ARG B 31 13.24 15.18 -4.06
CA ARG B 31 13.82 15.48 -5.37
C ARG B 31 13.14 14.67 -6.48
N GLY B 32 12.69 13.48 -6.12
CA GLY B 32 11.94 12.64 -7.03
C GLY B 32 10.75 12.02 -6.35
N THR B 33 10.71 10.70 -6.40
CA THR B 33 9.57 9.92 -5.89
C THR B 33 9.73 9.47 -4.43
N GLU B 34 10.79 9.88 -3.76
CA GLU B 34 11.04 9.48 -2.35
C GLU B 34 10.11 10.19 -1.36
N LYS B 35 10.14 9.71 -0.13
CA LYS B 35 9.18 10.12 0.90
C LYS B 35 9.86 10.86 2.01
N LEU B 36 9.35 12.04 2.35
CA LEU B 36 9.83 12.80 3.52
C LEU B 36 8.80 12.74 4.64
N GLU B 37 9.30 12.61 5.87
CA GLU B 37 8.45 12.68 7.05
C GLU B 37 9.21 13.22 8.23
N VAL B 38 8.58 14.07 9.00
CA VAL B 38 9.14 14.45 10.29
C VAL B 38 8.74 13.37 11.32
N VAL B 39 9.73 12.74 11.92
CA VAL B 39 9.45 11.65 12.86
C VAL B 39 9.73 12.12 14.28
N SER B 40 9.06 11.48 15.25
CA SER B 40 9.30 11.72 16.66
C SER B 40 9.94 10.50 17.30
N GLY B 41 10.76 10.72 18.31
CA GLY B 41 11.54 9.66 18.98
C GLY B 41 12.91 9.43 18.40
N ILE B 42 13.24 10.19 17.36
CA ILE B 42 14.54 10.12 16.70
C ILE B 42 14.95 11.56 16.36
N GLY B 43 16.04 12.02 16.94
CA GLY B 43 16.63 13.29 16.57
C GLY B 43 18.04 13.40 17.09
N HIS B 44 18.74 14.41 16.63
CA HIS B 44 20.12 14.71 17.09
C HIS B 44 19.98 15.49 18.39
N ASN B 45 20.33 14.85 19.51
CA ASN B 45 20.10 15.47 20.84
C ASN B 45 18.77 16.18 20.98
N SER B 46 17.69 15.50 20.54
CA SER B 46 16.41 16.12 20.40
C SER B 46 15.42 15.04 20.02
N ASN B 47 14.13 15.38 19.99
CA ASN B 47 13.09 14.36 19.82
C ASN B 47 12.65 14.15 18.38
N ARG B 48 12.96 15.13 17.52
CA ARG B 48 12.45 15.08 16.13
C ARG B 48 13.52 15.36 15.08
N SER B 49 13.31 14.74 13.91
CA SER B 49 14.19 14.91 12.76
C SER B 49 13.41 14.59 11.47
N LEU B 50 14.07 14.81 10.34
CA LEU B 50 13.46 14.62 9.03
C LEU B 50 13.98 13.34 8.41
N LYS B 51 13.09 12.38 8.19
CA LYS B 51 13.44 11.11 7.64
C LYS B 51 13.11 11.10 6.15
N THR B 52 14.05 10.62 5.35
CA THR B 52 13.82 10.37 3.94
C THR B 52 13.87 8.87 3.70
N SER B 53 12.79 8.32 3.12
CA SER B 53 12.73 6.88 2.81
C SER B 53 12.14 6.68 1.42
N SER B 54 11.96 5.43 1.04
CA SER B 54 11.53 5.08 -0.35
C SER B 54 12.43 5.75 -1.39
N ARG B 55 13.71 5.82 -1.09
CA ARG B 55 14.69 6.27 -2.05
C ARG B 55 14.92 5.13 -3.05
N SER B 56 14.96 5.46 -4.33
CA SER B 56 15.33 4.50 -5.39
C SER B 56 16.41 5.00 -6.32
N GLU B 57 17.02 6.15 -6.00
CA GLU B 57 18.15 6.68 -6.72
C GLU B 57 19.08 7.29 -5.68
N THR B 58 20.35 7.36 -6.01
CA THR B 58 21.33 7.96 -5.06
C THR B 58 21.04 9.46 -4.78
N TYR B 59 20.47 10.12 -5.77
CA TYR B 59 20.21 11.56 -5.69
C TYR B 59 18.90 11.93 -5.02
N HIS B 60 18.13 10.92 -4.65
CA HIS B 60 16.97 11.12 -3.77
C HIS B 60 17.44 11.49 -2.39
N GLY B 61 16.78 12.47 -1.82
CA GLY B 61 17.15 13.00 -0.51
C GLY B 61 16.37 14.28 -0.24
N PRO B 62 16.42 14.74 1.02
CA PRO B 62 15.68 15.90 1.44
C PRO B 62 16.32 17.21 0.93
N LEU B 63 15.49 18.09 0.43
CA LEU B 63 15.92 19.32 -0.18
C LEU B 63 15.12 20.49 0.36
N VAL B 64 15.78 21.63 0.53
CA VAL B 64 15.05 22.85 0.91
C VAL B 64 15.65 24.08 0.22
N GLU B 65 14.78 24.94 -0.27
CA GLU B 65 15.19 26.20 -0.88
C GLU B 65 15.69 27.13 0.20
N VAL B 66 16.88 27.66 0.03
CA VAL B 66 17.45 28.57 1.03
C VAL B 66 17.84 29.95 0.50
N LEU B 67 17.81 30.12 -0.81
CA LEU B 67 18.13 31.45 -1.36
C LEU B 67 17.40 32.65 -0.65
N PRO B 68 16.10 32.53 -0.39
CA PRO B 68 15.39 33.65 0.24
C PRO B 68 15.88 34.08 1.61
N TYR B 69 16.58 33.21 2.32
CA TYR B 69 17.14 33.52 3.64
C TYR B 69 18.43 34.21 3.62
N LEU B 70 19.04 34.33 2.41
CA LEU B 70 20.41 34.68 2.26
C LEU B 70 20.60 35.95 1.44
N GLN B 71 21.73 36.59 1.65
CA GLN B 71 22.13 37.74 0.84
C GLN B 71 22.96 37.22 -0.35
N LYS B 72 22.55 37.58 -1.54
CA LYS B 72 23.30 37.26 -2.74
C LYS B 72 24.67 37.93 -2.68
N GLY B 73 25.69 37.18 -3.05
CA GLY B 73 27.07 37.62 -3.10
C GLY B 73 27.83 37.36 -1.80
N SER B 74 27.20 36.68 -0.83
CA SER B 74 27.80 36.50 0.49
C SER B 74 28.38 35.11 0.59
N THR B 75 29.21 34.92 1.60
CA THR B 75 29.69 33.58 2.01
C THR B 75 29.01 33.22 3.31
N VAL B 76 28.45 32.00 3.38
CA VAL B 76 27.78 31.52 4.55
C VAL B 76 28.28 30.11 4.89
N HIS B 77 28.04 29.71 6.12
CA HIS B 77 28.50 28.39 6.64
C HIS B 77 27.26 27.56 6.80
N ILE B 78 27.24 26.45 6.10
CA ILE B 78 26.10 25.55 6.14
C ILE B 78 26.51 24.30 6.90
N SER B 79 25.62 23.82 7.75
CA SER B 79 25.86 22.56 8.51
C SER B 79 24.57 21.82 8.76
N PHE B 80 24.68 20.49 8.82
CA PHE B 80 23.56 19.67 9.27
C PHE B 80 24.08 18.36 9.82
N TRP B 81 23.24 17.70 10.57
CA TRP B 81 23.57 16.41 11.19
C TRP B 81 22.78 15.34 10.46
N ALA B 82 23.42 14.21 10.23
CA ALA B 82 22.78 13.11 9.51
C ALA B 82 23.04 11.80 10.25
N MET B 83 22.14 10.88 10.04
CA MET B 83 22.23 9.55 10.64
C MET B 83 21.44 8.57 9.77
N TYR B 84 21.91 7.32 9.70
CA TYR B 84 21.08 6.21 9.15
C TYR B 84 21.22 5.02 10.12
N ASP B 85 20.21 4.19 10.16
CA ASP B 85 20.18 3.10 11.14
C ASP B 85 19.79 1.74 10.58
N GLU B 86 19.89 1.56 9.27
CA GLU B 86 19.62 0.23 8.66
C GLU B 86 20.53 0.00 7.49
N GLY B 87 20.83 -1.28 7.22
CA GLY B 87 21.65 -1.65 6.04
C GLY B 87 23.14 -1.76 6.33
N PRO B 88 24.00 -1.09 5.53
CA PRO B 88 25.43 -1.31 5.68
C PRO B 88 26.01 -0.74 6.96
N ALA B 89 27.18 -1.23 7.31
CA ALA B 89 27.88 -0.82 8.54
C ALA B 89 28.36 0.64 8.48
N THR B 90 28.72 1.07 7.29
CA THR B 90 29.10 2.46 7.02
C THR B 90 28.51 2.88 5.71
N GLN B 91 28.35 4.19 5.53
CA GLN B 91 27.80 4.74 4.32
C GLN B 91 28.14 6.24 4.23
N VAL B 92 28.47 6.68 3.04
CA VAL B 92 28.80 8.09 2.81
C VAL B 92 27.48 8.86 2.54
N ILE B 93 27.40 10.05 3.12
CA ILE B 93 26.34 10.99 2.85
C ILE B 93 27.02 12.32 2.43
N ASN B 94 26.47 12.91 1.38
CA ASN B 94 26.94 14.16 0.83
C ASN B 94 25.95 15.28 1.15
N GLY B 95 26.48 16.49 1.32
CA GLY B 95 25.70 17.68 1.37
C GLY B 95 25.99 18.43 0.09
N SER B 96 24.92 18.83 -0.60
CA SER B 96 25.04 19.43 -1.92
C SER B 96 24.17 20.65 -2.08
N LEU B 97 24.46 21.43 -3.12
CA LEU B 97 23.64 22.54 -3.55
C LEU B 97 23.10 22.31 -4.96
N GLU B 98 21.84 22.68 -5.16
CA GLU B 98 21.19 22.72 -6.45
C GLU B 98 20.94 24.22 -6.76
N LYS B 99 21.46 24.68 -7.88
CA LYS B 99 21.32 26.10 -8.28
C LYS B 99 20.57 26.26 -9.55
N GLU B 100 19.70 27.25 -9.60
CA GLU B 100 18.86 27.57 -10.78
C GLU B 100 19.14 29.06 -11.12
N PHE B 101 19.38 29.32 -12.41
CA PHE B 101 19.63 30.67 -12.87
C PHE B 101 18.57 31.05 -13.85
N ASN B 102 18.14 32.31 -13.75
CA ASN B 102 17.12 32.90 -14.68
C ASN B 102 15.87 32.02 -14.83
N ARG B 103 15.51 31.34 -13.75
CA ARG B 103 14.31 30.44 -13.68
C ARG B 103 14.33 29.36 -14.77
N ASP B 104 15.53 29.01 -15.22
CA ASP B 104 15.75 27.94 -16.19
C ASP B 104 15.92 26.59 -15.47
N THR B 105 14.82 25.86 -15.42
CA THR B 105 14.77 24.56 -14.71
C THR B 105 15.38 23.36 -15.47
N ALA B 106 15.71 23.53 -16.74
CA ALA B 106 16.45 22.48 -17.53
C ALA B 106 17.98 22.48 -17.36
N ASN B 107 18.51 23.56 -16.82
CA ASN B 107 19.94 23.72 -16.71
C ASN B 107 20.26 24.07 -15.28
N LEU B 108 19.82 23.19 -14.40
CA LEU B 108 20.20 23.27 -13.01
C LEU B 108 21.65 22.86 -12.88
N GLU B 109 22.30 23.37 -11.87
CA GLU B 109 23.63 22.85 -11.55
C GLU B 109 23.70 22.38 -10.12
N TYR B 110 24.69 21.52 -9.88
CA TYR B 110 24.75 20.72 -8.68
C TYR B 110 26.19 20.78 -8.25
N ALA B 111 26.41 21.03 -6.97
CA ALA B 111 27.75 21.05 -6.42
C ALA B 111 27.70 20.41 -5.06
N MET B 112 28.63 19.51 -4.81
CA MET B 112 28.79 18.96 -3.50
C MET B 112 29.57 19.94 -2.63
N PHE B 113 29.10 20.22 -1.44
CA PHE B 113 29.90 21.06 -0.53
C PHE B 113 30.60 20.27 0.55
N ALA B 114 30.10 19.08 0.87
CA ALA B 114 30.77 18.27 1.91
C ALA B 114 30.33 16.85 1.82
N SER B 115 31.14 16.00 2.41
CA SER B 115 30.92 14.58 2.36
C SER B 115 31.62 13.94 3.58
N THR B 116 30.93 13.01 4.22
CA THR B 116 31.54 12.24 5.31
C THR B 116 31.03 10.79 5.28
N THR B 117 31.82 9.93 5.90
CA THR B 117 31.43 8.55 6.13
C THR B 117 30.72 8.49 7.46
N LEU B 118 29.51 7.99 7.47
CA LEU B 118 28.78 7.74 8.71
C LEU B 118 28.86 6.25 9.10
N ASN B 119 28.79 6.02 10.40
CA ASN B 119 28.59 4.66 10.95
C ASN B 119 27.14 4.46 11.24
N LYS B 120 26.63 3.27 10.92
CA LYS B 120 25.26 2.92 11.26
C LYS B 120 24.89 3.31 12.70
N GLY B 121 23.77 4.02 12.84
CA GLY B 121 23.24 4.47 14.12
C GLY B 121 23.81 5.75 14.71
N GLN B 122 24.89 6.26 14.16
CA GLN B 122 25.63 7.39 14.74
C GLN B 122 25.39 8.71 13.98
N TRP B 123 25.05 9.77 14.72
CA TRP B 123 24.82 11.11 14.14
C TRP B 123 26.16 11.75 13.84
N LYS B 124 26.27 12.37 12.66
CA LYS B 124 27.53 13.02 12.27
C LYS B 124 27.26 14.33 11.54
N LYS B 125 28.13 15.31 11.75
CA LYS B 125 27.93 16.65 11.23
C LYS B 125 28.57 16.80 9.87
N ILE B 126 27.82 17.39 8.94
CA ILE B 126 28.30 17.65 7.60
C ILE B 126 28.25 19.16 7.40
N GLU B 127 29.34 19.76 6.95
CA GLU B 127 29.39 21.22 6.95
C GLU B 127 30.47 21.79 6.03
N ALA B 128 30.27 23.03 5.60
CA ALA B 128 31.27 23.75 4.78
C ALA B 128 30.82 25.20 4.59
N ASP B 129 31.76 26.05 4.25
CA ASP B 129 31.45 27.39 3.75
C ASP B 129 30.97 27.27 2.33
N ILE B 130 29.99 28.05 1.96
CA ILE B 130 29.59 28.11 0.56
C ILE B 130 29.39 29.55 0.15
N ILE B 131 29.41 29.72 -1.16
CA ILE B 131 29.21 31.05 -1.76
C ILE B 131 27.79 31.17 -2.30
N VAL B 132 27.13 32.26 -1.97
CA VAL B 132 25.85 32.61 -2.58
C VAL B 132 26.13 33.53 -3.78
N PRO B 133 25.78 33.12 -5.02
CA PRO B 133 26.10 33.91 -6.18
C PRO B 133 25.40 35.25 -6.15
N ALA B 134 26.01 36.21 -6.82
CA ALA B 134 25.53 37.58 -6.85
C ALA B 134 24.24 37.73 -7.62
N GLU B 135 23.52 38.80 -7.33
CA GLU B 135 22.30 39.14 -8.04
C GLU B 135 22.42 39.14 -9.57
N SER B 136 23.54 39.70 -10.07
CA SER B 136 23.74 39.84 -11.53
C SER B 136 24.03 38.52 -12.26
N THR B 137 24.18 37.43 -11.51
CA THR B 137 24.24 36.09 -12.15
C THR B 137 22.87 35.63 -12.64
N GLY B 138 21.82 36.25 -12.13
CA GLY B 138 20.42 35.82 -12.37
C GLY B 138 19.99 34.60 -11.52
N ILE B 139 20.78 34.24 -10.50
CA ILE B 139 20.48 33.13 -9.59
C ILE B 139 19.03 33.28 -9.09
N SER B 140 18.25 32.24 -9.27
CA SER B 140 16.84 32.25 -8.92
C SER B 140 16.47 31.17 -7.92
N GLY B 141 17.37 30.24 -7.69
CA GLY B 141 17.19 29.23 -6.65
C GLY B 141 18.51 28.71 -6.19
N LEU B 142 18.59 28.40 -4.91
CA LEU B 142 19.78 27.80 -4.27
C LEU B 142 19.22 26.92 -3.19
N ARG B 143 19.27 25.63 -3.40
CA ARG B 143 18.65 24.68 -2.51
C ARG B 143 19.74 23.73 -1.93
N MET B 144 19.65 23.46 -0.65
CA MET B 144 20.58 22.52 -0.04
C MET B 144 19.91 21.17 0.03
N TYR B 145 20.68 20.12 -0.17
CA TYR B 145 20.15 18.81 -0.06
C TYR B 145 21.20 17.82 0.38
N ALA B 146 20.71 16.67 0.89
CA ALA B 146 21.55 15.51 1.23
C ALA B 146 21.25 14.33 0.28
N GLU B 147 22.29 13.56 0.00
CA GLU B 147 22.19 12.44 -0.91
C GLU B 147 23.31 11.44 -0.60
N THR B 148 23.30 10.30 -1.29
CA THR B 148 24.43 9.37 -1.27
C THR B 148 25.25 9.55 -2.54
N PRO B 149 26.53 9.08 -2.55
CA PRO B 149 27.37 9.27 -3.74
C PRO B 149 26.72 8.82 -5.05
N TRP B 150 26.85 9.67 -6.07
CA TRP B 150 26.19 9.50 -7.34
C TRP B 150 26.60 8.19 -8.00
N LYS B 151 25.58 7.45 -8.45
CA LYS B 151 25.74 6.30 -9.36
C LYS B 151 24.65 6.36 -10.38
N GLN B 152 24.94 5.86 -11.58
CA GLN B 152 23.91 5.77 -12.62
C GLN B 152 22.88 4.70 -12.21
N SER B 153 21.65 4.85 -12.70
CA SER B 153 20.52 3.95 -12.34
C SER B 153 20.85 2.47 -12.38
N SER B 154 21.57 2.04 -13.42
CA SER B 154 21.97 0.60 -13.59
C SER B 154 22.97 0.09 -12.55
N GLU B 155 23.75 1.00 -11.97
CA GLU B 155 24.72 0.66 -10.91
C GLU B 155 24.13 0.67 -9.48
N VAL B 156 22.90 1.18 -9.34
CA VAL B 156 22.31 1.41 -8.01
C VAL B 156 22.04 0.09 -7.30
N THR B 157 22.42 0.03 -6.04
CA THR B 157 22.16 -1.10 -5.14
C THR B 157 21.43 -0.64 -3.86
N GLU B 158 20.94 -1.61 -3.10
CA GLU B 158 20.20 -1.30 -1.86
C GLU B 158 20.97 -0.47 -0.84
N THR B 159 22.27 -0.69 -0.78
CA THR B 159 23.08 0.09 0.17
C THR B 159 23.09 1.59 -0.21
N ASP B 160 23.02 1.86 -1.51
CA ASP B 160 22.97 3.24 -2.01
C ASP B 160 21.70 3.99 -1.65
N THR B 161 20.61 3.24 -1.50
CA THR B 161 19.27 3.81 -1.33
C THR B 161 18.68 3.68 0.08
N ILE B 162 19.56 3.51 1.06
CA ILE B 162 19.17 3.53 2.47
C ILE B 162 18.35 4.75 2.89
N PRO B 163 17.34 4.55 3.75
CA PRO B 163 16.69 5.69 4.32
C PRO B 163 17.64 6.39 5.29
N PHE B 164 17.48 7.69 5.43
CA PHE B 164 18.34 8.45 6.42
C PHE B 164 17.63 9.66 6.98
N TYR B 165 18.17 10.15 8.09
CA TYR B 165 17.66 11.24 8.87
C TYR B 165 18.60 12.44 8.76
N VAL B 166 18.01 13.64 8.75
CA VAL B 166 18.74 14.87 8.94
C VAL B 166 18.13 15.69 10.05
N ASP B 167 18.94 16.52 10.66
CA ASP B 167 18.49 17.37 11.78
C ASP B 167 19.45 18.53 11.97
N ASP B 168 18.99 19.53 12.67
CA ASP B 168 19.83 20.65 13.06
C ASP B 168 20.54 21.23 11.87
N VAL B 169 19.72 21.48 10.86
CA VAL B 169 20.19 22.11 9.61
C VAL B 169 20.32 23.60 9.93
N GLN B 170 21.48 24.17 9.67
CA GLN B 170 21.75 25.52 10.07
C GLN B 170 22.58 26.24 9.04
N ILE B 171 22.30 27.51 8.80
CA ILE B 171 23.11 28.37 8.00
C ILE B 171 23.46 29.60 8.81
N THR B 172 24.76 29.90 8.89
CA THR B 172 25.26 30.99 9.70
C THR B 172 26.09 31.93 8.84
N ALA B 173 26.11 33.19 9.23
CA ALA B 173 26.96 34.20 8.58
C ALA B 173 28.43 33.94 8.93
N THR B 174 29.35 34.36 8.06
CA THR B 174 30.81 34.15 8.27
C THR B 174 31.56 35.46 8.60
N ALA C 14 -26.17 9.46 4.84
CA ALA C 14 -26.40 8.37 3.83
C ALA C 14 -27.42 8.82 2.80
N LEU C 15 -27.08 8.63 1.53
CA LEU C 15 -27.91 9.00 0.40
C LEU C 15 -28.96 7.92 0.19
N PHE C 16 -28.59 6.68 0.54
CA PHE C 16 -29.43 5.52 0.39
C PHE C 16 -29.04 4.57 1.51
N LYS C 17 -30.05 3.93 2.12
CA LYS C 17 -29.82 2.87 3.11
C LYS C 17 -30.90 1.83 3.05
N ALA C 18 -30.50 0.57 3.10
CA ALA C 18 -31.46 -0.53 3.22
C ALA C 18 -30.94 -1.48 4.29
N ASP C 19 -31.63 -1.55 5.40
CA ASP C 19 -31.30 -2.50 6.46
C ASP C 19 -32.35 -3.63 6.63
N PHE C 20 -33.44 -3.54 5.87
CA PHE C 20 -34.52 -4.53 5.85
C PHE C 20 -35.28 -4.76 7.18
N GLU C 21 -35.08 -3.84 8.13
CA GLU C 21 -35.60 -4.01 9.50
C GLU C 21 -37.12 -3.81 9.56
N ASP C 22 -37.65 -3.15 8.56
CA ASP C 22 -39.10 -3.02 8.36
C ASP C 22 -39.73 -4.24 7.67
N GLY C 23 -38.93 -5.24 7.33
CA GLY C 23 -39.40 -6.42 6.63
C GLY C 23 -39.87 -6.19 5.21
N ASN C 24 -39.57 -5.02 4.64
CA ASN C 24 -40.04 -4.67 3.30
C ASN C 24 -38.99 -4.94 2.20
N ILE C 25 -39.45 -5.55 1.13
CA ILE C 25 -38.63 -5.78 -0.08
C ILE C 25 -38.28 -4.47 -0.81
N GLY C 26 -39.13 -3.46 -0.62
CA GLY C 26 -38.94 -2.15 -1.27
C GLY C 26 -38.86 -2.36 -2.78
N ASN C 27 -37.86 -1.76 -3.43
CA ASN C 27 -37.69 -1.90 -4.89
C ASN C 27 -36.62 -2.91 -5.34
N TRP C 28 -36.19 -3.75 -4.42
CA TRP C 28 -35.29 -4.80 -4.76
C TRP C 28 -35.94 -5.82 -5.66
N ARG C 29 -35.16 -6.31 -6.61
CA ARG C 29 -35.71 -7.26 -7.57
C ARG C 29 -34.67 -8.28 -8.01
N ALA C 30 -35.16 -9.42 -8.48
CA ALA C 30 -34.35 -10.41 -9.17
C ALA C 30 -33.89 -9.93 -10.56
N ARG C 31 -32.81 -10.55 -11.06
CA ARG C 31 -32.31 -10.26 -12.41
C ARG C 31 -32.81 -11.30 -13.40
N GLY C 32 -33.17 -12.48 -12.93
CA GLY C 32 -33.60 -13.56 -13.83
C GLY C 32 -34.70 -14.32 -13.18
N THR C 33 -34.50 -15.62 -13.03
CA THR C 33 -35.55 -16.55 -12.46
C THR C 33 -35.34 -16.89 -10.99
N GLU C 34 -34.49 -16.12 -10.32
CA GLU C 34 -34.21 -16.37 -8.91
C GLU C 34 -35.26 -15.74 -7.99
N LYS C 35 -35.14 -16.08 -6.71
CA LYS C 35 -36.11 -15.69 -5.71
C LYS C 35 -35.53 -14.76 -4.66
N LEU C 36 -36.17 -13.63 -4.42
CA LEU C 36 -35.78 -12.70 -3.34
C LEU C 36 -36.78 -12.76 -2.21
N GLU C 37 -36.28 -12.73 -0.99
CA GLU C 37 -37.14 -12.70 0.19
C GLU C 37 -36.47 -11.97 1.36
N VAL C 38 -37.21 -11.14 2.05
CA VAL C 38 -36.72 -10.56 3.30
C VAL C 38 -36.98 -11.58 4.39
N VAL C 39 -35.90 -12.02 5.01
CA VAL C 39 -36.04 -13.06 6.05
C VAL C 39 -35.83 -12.44 7.43
N SER C 40 -36.41 -13.06 8.43
CA SER C 40 -36.11 -12.73 9.81
C SER C 40 -35.29 -13.86 10.42
N GLY C 41 -34.48 -13.53 11.41
CA GLY C 41 -33.62 -14.53 12.08
C GLY C 41 -32.24 -14.67 11.48
N ILE C 42 -31.96 -13.86 10.47
CA ILE C 42 -30.64 -13.75 9.82
C ILE C 42 -30.43 -12.27 9.44
N GLY C 43 -29.36 -11.67 9.93
CA GLY C 43 -29.01 -10.33 9.56
C GLY C 43 -27.64 -9.94 10.10
N HIS C 44 -27.11 -8.86 9.55
CA HIS C 44 -25.82 -8.29 9.98
C HIS C 44 -26.09 -7.42 11.21
N ASN C 45 -25.65 -7.86 12.39
CA ASN C 45 -25.98 -7.16 13.67
C ASN C 45 -27.43 -6.76 13.79
N SER C 46 -28.32 -7.66 13.40
CA SER C 46 -29.71 -7.32 13.18
C SER C 46 -30.45 -8.58 12.85
N ASN C 47 -31.77 -8.50 12.84
CA ASN C 47 -32.60 -9.68 12.77
C ASN C 47 -33.17 -9.92 11.38
N ARG C 48 -32.99 -8.95 10.46
CA ARG C 48 -33.53 -9.07 9.09
C ARG C 48 -32.52 -8.71 7.98
N SER C 49 -32.67 -9.39 6.87
CA SER C 49 -31.82 -9.23 5.70
C SER C 49 -32.51 -9.79 4.47
N LEU C 50 -31.90 -9.54 3.32
CA LEU C 50 -32.45 -9.95 2.01
C LEU C 50 -31.75 -11.21 1.53
N LYS C 51 -32.51 -12.30 1.39
CA LYS C 51 -31.98 -13.55 0.89
C LYS C 51 -32.31 -13.75 -0.56
N THR C 52 -31.32 -14.18 -1.32
CA THR C 52 -31.49 -14.55 -2.71
C THR C 52 -31.25 -16.01 -2.85
N SER C 53 -32.23 -16.72 -3.40
CA SER C 53 -32.15 -18.19 -3.51
C SER C 53 -32.77 -18.61 -4.84
N SER C 54 -32.82 -19.92 -5.10
CA SER C 54 -33.21 -20.44 -6.41
C SER C 54 -32.37 -19.84 -7.56
N ARG C 55 -31.08 -19.60 -7.29
CA ARG C 55 -30.19 -19.11 -8.30
C ARG C 55 -29.77 -20.28 -9.17
N SER C 56 -29.74 -20.08 -10.47
CA SER C 56 -29.27 -21.09 -11.41
C SER C 56 -28.30 -20.53 -12.45
N GLU C 57 -27.94 -19.25 -12.31
CA GLU C 57 -26.93 -18.60 -13.10
C GLU C 57 -26.08 -17.72 -12.14
N THR C 58 -24.82 -17.52 -12.47
CA THR C 58 -23.92 -16.72 -11.62
C THR C 58 -24.39 -15.27 -11.49
N TYR C 59 -25.06 -14.77 -12.53
CA TYR C 59 -25.51 -13.39 -12.60
C TYR C 59 -26.85 -13.10 -11.91
N HIS C 60 -27.46 -14.16 -11.41
CA HIS C 60 -28.57 -14.07 -10.50
C HIS C 60 -28.16 -13.52 -9.16
N GLY C 61 -28.95 -12.58 -8.65
CA GLY C 61 -28.64 -11.87 -7.41
C GLY C 61 -29.57 -10.69 -7.22
N PRO C 62 -29.56 -10.10 -6.03
CA PRO C 62 -30.42 -9.00 -5.71
C PRO C 62 -29.98 -7.67 -6.35
N LEU C 63 -30.94 -6.92 -6.86
CA LEU C 63 -30.66 -5.72 -7.56
C LEU C 63 -31.63 -4.58 -7.10
N VAL C 64 -31.10 -3.36 -7.05
CA VAL C 64 -31.94 -2.20 -6.77
C VAL C 64 -31.50 -1.02 -7.57
N GLU C 65 -32.48 -0.30 -8.08
CA GLU C 65 -32.25 0.99 -8.74
C GLU C 65 -31.84 2.06 -7.76
N VAL C 66 -30.75 2.74 -8.03
CA VAL C 66 -30.27 3.80 -7.11
C VAL C 66 -30.09 5.19 -7.73
N LEU C 67 -30.20 5.27 -9.04
CA LEU C 67 -29.97 6.57 -9.69
C LEU C 67 -30.82 7.72 -9.12
N PRO C 68 -32.10 7.49 -8.77
CA PRO C 68 -32.89 8.63 -8.20
C PRO C 68 -32.38 9.20 -6.89
N TYR C 69 -31.58 8.44 -6.16
CA TYR C 69 -31.00 8.91 -4.91
C TYR C 69 -29.76 9.79 -5.09
N LEU C 70 -29.24 9.89 -6.31
CA LEU C 70 -27.91 10.37 -6.53
C LEU C 70 -27.91 11.55 -7.47
N GLN C 71 -26.87 12.35 -7.35
CA GLN C 71 -26.61 13.40 -8.31
C GLN C 71 -25.77 12.80 -9.48
N LYS C 72 -26.23 13.06 -10.70
CA LYS C 72 -25.46 12.74 -11.90
C LYS C 72 -24.18 13.58 -11.94
N GLY C 73 -23.10 12.92 -12.29
CA GLY C 73 -21.78 13.53 -12.39
C GLY C 73 -21.05 13.59 -11.05
N SER C 74 -21.47 12.80 -10.05
CA SER C 74 -20.85 12.80 -8.74
C SER C 74 -20.10 11.50 -8.51
N THR C 75 -19.24 11.50 -7.50
CA THR C 75 -18.67 10.25 -6.96
C THR C 75 -19.30 9.93 -5.61
N VAL C 76 -19.70 8.68 -5.43
CA VAL C 76 -20.28 8.24 -4.17
C VAL C 76 -19.63 6.95 -3.72
N HIS C 77 -19.83 6.62 -2.47
CA HIS C 77 -19.26 5.41 -1.87
C HIS C 77 -20.35 4.41 -1.62
N ILE C 78 -20.27 3.26 -2.28
CA ILE C 78 -21.29 2.23 -2.12
C ILE C 78 -20.74 1.11 -1.27
N SER C 79 -21.54 0.63 -0.33
CA SER C 79 -21.14 -0.48 0.51
C SER C 79 -22.31 -1.35 0.83
N PHE C 80 -22.05 -2.60 1.07
CA PHE C 80 -23.03 -3.53 1.59
C PHE C 80 -22.35 -4.70 2.27
N TRP C 81 -23.12 -5.40 3.09
CA TRP C 81 -22.65 -6.55 3.80
C TRP C 81 -23.25 -7.80 3.18
N ALA C 82 -22.41 -8.84 2.99
CA ALA C 82 -22.90 -10.06 2.41
C ALA C 82 -22.46 -11.21 3.26
N MET C 83 -23.21 -12.31 3.13
CA MET C 83 -22.94 -13.56 3.86
C MET C 83 -23.63 -14.74 3.14
N TYR C 84 -22.97 -15.89 3.17
CA TYR C 84 -23.59 -17.12 2.74
C TYR C 84 -23.25 -18.15 3.83
N ASP C 85 -24.12 -19.13 4.02
CA ASP C 85 -23.90 -20.08 5.16
C ASP C 85 -24.08 -21.54 4.81
N GLU C 86 -23.87 -21.87 3.55
CA GLU C 86 -24.01 -23.25 3.12
C GLU C 86 -23.02 -23.50 1.99
N GLY C 87 -22.56 -24.73 1.88
CA GLY C 87 -21.72 -25.15 0.76
C GLY C 87 -20.23 -25.00 1.05
N PRO C 88 -19.50 -24.30 0.17
CA PRO C 88 -18.02 -24.31 0.27
C PRO C 88 -17.52 -23.49 1.44
N ALA C 89 -16.27 -23.75 1.80
CA ALA C 89 -15.63 -23.09 2.97
C ALA C 89 -15.47 -21.57 2.66
N THR C 90 -15.15 -21.27 1.42
CA THR C 90 -15.02 -19.89 0.97
C THR C 90 -15.73 -19.73 -0.38
N GLN C 91 -16.15 -18.49 -0.70
CA GLN C 91 -16.77 -18.19 -2.01
C GLN C 91 -16.67 -16.70 -2.31
N VAL C 92 -16.45 -16.37 -3.58
CA VAL C 92 -16.38 -15.00 -4.02
C VAL C 92 -17.79 -14.45 -4.33
N ILE C 93 -18.04 -13.24 -3.85
CA ILE C 93 -19.22 -12.47 -4.19
C ILE C 93 -18.77 -11.09 -4.70
N ASN C 94 -19.47 -10.65 -5.73
CA ASN C 94 -19.12 -9.43 -6.49
C ASN C 94 -20.23 -8.40 -6.33
N GLY C 95 -19.85 -7.15 -6.34
CA GLY C 95 -20.75 -6.02 -6.33
C GLY C 95 -20.64 -5.44 -7.72
N SER C 96 -21.76 -5.21 -8.37
CA SER C 96 -21.79 -4.77 -9.76
C SER C 96 -22.83 -3.70 -9.97
N LEU C 97 -22.66 -2.97 -11.08
CA LEU C 97 -23.60 -1.96 -11.51
C LEU C 97 -24.19 -2.35 -12.83
N GLU C 98 -25.49 -2.12 -12.96
CA GLU C 98 -26.18 -2.27 -14.20
C GLU C 98 -26.62 -0.84 -14.60
N LYS C 99 -26.22 -0.43 -15.80
CA LYS C 99 -26.55 0.87 -16.31
C LYS C 99 -27.40 0.84 -17.58
N GLU C 100 -28.35 1.78 -17.63
CA GLU C 100 -29.22 1.98 -18.77
C GLU C 100 -29.11 3.40 -19.25
N PHE C 101 -29.06 3.57 -20.56
CA PHE C 101 -28.92 4.91 -21.16
C PHE C 101 -30.07 5.16 -22.11
N ASN C 102 -30.56 6.40 -22.14
CA ASN C 102 -31.68 6.79 -23.01
C ASN C 102 -32.88 5.84 -22.95
N ARG C 103 -33.12 5.30 -21.77
CA ARG C 103 -34.21 4.33 -21.54
C ARG C 103 -34.22 3.19 -22.56
N ASP C 104 -33.04 2.83 -23.04
CA ASP C 104 -32.88 1.65 -23.91
C ASP C 104 -32.63 0.40 -23.04
N THR C 105 -33.71 -0.35 -22.81
CA THR C 105 -33.68 -1.58 -21.98
C THR C 105 -33.04 -2.79 -22.69
N ALA C 106 -32.93 -2.72 -24.01
CA ALA C 106 -32.29 -3.79 -24.77
C ALA C 106 -30.76 -3.74 -24.77
N ASN C 107 -30.19 -2.61 -24.34
CA ASN C 107 -28.75 -2.36 -24.47
C ASN C 107 -28.11 -1.92 -23.16
N LEU C 108 -28.26 -2.74 -22.13
CA LEU C 108 -27.67 -2.43 -20.82
C LEU C 108 -26.16 -2.63 -20.79
N GLU C 109 -25.48 -1.96 -19.87
CA GLU C 109 -24.11 -2.33 -19.56
C GLU C 109 -23.92 -2.73 -18.13
N TYR C 110 -22.86 -3.45 -17.90
CA TYR C 110 -22.58 -4.01 -16.60
C TYR C 110 -21.11 -3.80 -16.24
N ALA C 111 -20.85 -3.48 -15.01
CA ALA C 111 -19.51 -3.27 -14.55
C ALA C 111 -19.43 -3.76 -13.13
N MET C 112 -18.36 -4.47 -12.81
CA MET C 112 -18.09 -4.86 -11.44
C MET C 112 -17.47 -3.70 -10.70
N PHE C 113 -17.94 -3.39 -9.50
CA PHE C 113 -17.25 -2.37 -8.71
C PHE C 113 -16.36 -2.95 -7.63
N ALA C 114 -16.65 -4.17 -7.21
CA ALA C 114 -15.87 -4.77 -6.09
C ALA C 114 -16.07 -6.27 -6.08
N SER C 115 -15.12 -6.94 -5.45
CA SER C 115 -15.11 -8.37 -5.42
C SER C 115 -14.35 -8.82 -4.18
N THR C 116 -14.80 -9.89 -3.53
CA THR C 116 -14.05 -10.40 -2.37
C THR C 116 -14.38 -11.82 -2.14
N THR C 117 -13.47 -12.48 -1.41
CA THR C 117 -13.70 -13.85 -0.98
C THR C 117 -14.32 -13.79 0.42
N LEU C 118 -15.46 -14.45 0.60
CA LEU C 118 -16.07 -14.55 1.88
C LEU C 118 -15.82 -15.93 2.51
N ASN C 119 -15.79 -15.95 3.84
CA ASN C 119 -15.77 -17.21 4.61
C ASN C 119 -17.22 -17.58 4.96
N LYS C 120 -17.56 -18.83 4.75
CA LYS C 120 -18.85 -19.35 5.14
C LYS C 120 -19.28 -18.90 6.51
N GLY C 121 -20.49 -18.41 6.57
CA GLY C 121 -21.10 -17.99 7.82
C GLY C 121 -20.67 -16.67 8.37
N GLN C 122 -19.76 -15.95 7.70
CA GLN C 122 -19.23 -14.70 8.20
C GLN C 122 -19.63 -13.53 7.29
N TRP C 123 -20.24 -12.54 7.91
CA TRP C 123 -20.64 -11.30 7.23
C TRP C 123 -19.40 -10.54 6.80
N LYS C 124 -19.41 -10.03 5.56
CA LYS C 124 -18.25 -9.24 5.07
C LYS C 124 -18.73 -8.00 4.32
N LYS C 125 -18.03 -6.91 4.52
CA LYS C 125 -18.34 -5.66 3.87
C LYS C 125 -17.71 -5.57 2.46
N ILE C 126 -18.51 -5.26 1.47
CA ILE C 126 -18.13 -5.08 0.09
C ILE C 126 -18.36 -3.62 -0.25
N GLU C 127 -17.36 -2.94 -0.81
CA GLU C 127 -17.48 -1.51 -0.96
C GLU C 127 -16.56 -0.93 -2.04
N ALA C 128 -16.91 0.22 -2.57
CA ALA C 128 -16.05 0.97 -3.51
C ALA C 128 -16.62 2.35 -3.74
N ASP C 129 -15.77 3.27 -4.16
CA ASP C 129 -16.23 4.55 -4.77
C ASP C 129 -16.71 4.24 -6.16
N ILE C 130 -17.85 4.82 -6.54
CA ILE C 130 -18.32 4.69 -7.89
C ILE C 130 -18.68 6.07 -8.45
N ILE C 131 -18.64 6.14 -9.76
CA ILE C 131 -18.95 7.33 -10.50
C ILE C 131 -20.39 7.22 -10.97
N VAL C 132 -21.13 8.27 -10.77
CA VAL C 132 -22.45 8.38 -11.36
C VAL C 132 -22.28 9.22 -12.64
N PRO C 133 -22.57 8.61 -13.81
CA PRO C 133 -22.37 9.34 -15.06
C PRO C 133 -23.22 10.61 -15.13
N ALA C 134 -22.70 11.57 -15.88
CA ALA C 134 -23.28 12.87 -16.02
C ALA C 134 -24.60 12.83 -16.81
N GLU C 135 -25.41 13.83 -16.57
CA GLU C 135 -26.67 14.03 -17.29
C GLU C 135 -26.54 13.85 -18.80
N SER C 136 -25.49 14.41 -19.38
CA SER C 136 -25.36 14.40 -20.84
C SER C 136 -24.94 13.07 -21.43
N THR C 137 -24.65 12.07 -20.61
CA THR C 137 -24.58 10.69 -21.11
C THR C 137 -25.94 10.11 -21.52
N GLY C 138 -27.01 10.71 -21.00
CA GLY C 138 -28.36 10.15 -21.11
C GLY C 138 -28.66 9.02 -20.16
N ILE C 139 -27.79 8.81 -19.17
CA ILE C 139 -27.99 7.75 -18.20
C ILE C 139 -29.43 7.83 -17.66
N SER C 140 -30.12 6.69 -17.65
CA SER C 140 -31.50 6.60 -17.22
C SER C 140 -31.76 5.49 -16.14
N GLY C 141 -30.75 4.65 -15.89
CA GLY C 141 -30.84 3.74 -14.77
C GLY C 141 -29.44 3.39 -14.31
N LEU C 142 -29.30 3.24 -13.00
CA LEU C 142 -28.08 2.83 -12.40
C LEU C 142 -28.45 1.98 -11.24
N ARG C 143 -28.18 0.69 -11.33
CA ARG C 143 -28.66 -0.27 -10.35
C ARG C 143 -27.48 -1.02 -9.76
N MET C 144 -27.50 -1.22 -8.46
CA MET C 144 -26.48 -1.98 -7.83
C MET C 144 -26.98 -3.37 -7.68
N TYR C 145 -26.09 -4.34 -7.88
CA TYR C 145 -26.43 -5.73 -7.59
C TYR C 145 -25.23 -6.51 -7.08
N ALA C 146 -25.55 -7.66 -6.52
CA ALA C 146 -24.56 -8.66 -6.06
C ALA C 146 -24.76 -9.93 -6.88
N GLU C 147 -23.66 -10.60 -7.16
CA GLU C 147 -23.63 -11.79 -7.98
C GLU C 147 -22.39 -12.59 -7.63
N THR C 148 -22.23 -13.76 -8.22
CA THR C 148 -21.02 -14.56 -8.09
C THR C 148 -20.24 -14.47 -9.38
N PRO C 149 -18.94 -14.87 -9.39
CA PRO C 149 -18.12 -14.65 -10.61
C PRO C 149 -18.71 -15.30 -11.84
N TRP C 150 -18.72 -14.53 -12.94
CA TRP C 150 -19.37 -14.94 -14.16
C TRP C 150 -18.80 -16.26 -14.71
N LYS C 151 -19.73 -17.12 -15.10
CA LYS C 151 -19.47 -18.29 -15.91
C LYS C 151 -20.61 -18.49 -16.89
N GLN C 152 -20.31 -19.14 -18.00
CA GLN C 152 -21.31 -19.50 -18.97
C GLN C 152 -22.22 -20.58 -18.37
N SER C 153 -23.48 -20.57 -18.78
CA SER C 153 -24.51 -21.52 -18.30
C SER C 153 -24.06 -22.96 -18.18
N SER C 154 -23.40 -23.44 -19.22
CA SER C 154 -22.92 -24.85 -19.26
C SER C 154 -21.83 -25.20 -18.22
N GLU C 155 -21.09 -24.19 -17.76
CA GLU C 155 -20.02 -24.37 -16.73
C GLU C 155 -20.46 -24.18 -15.28
N VAL C 156 -21.70 -23.78 -15.11
CA VAL C 156 -22.19 -23.46 -13.76
C VAL C 156 -22.23 -24.73 -12.90
N THR C 157 -21.77 -24.60 -11.65
CA THR C 157 -21.79 -25.68 -10.64
C THR C 157 -22.53 -25.26 -9.39
N GLU C 158 -22.76 -26.20 -8.51
CA GLU C 158 -23.47 -25.93 -7.24
C GLU C 158 -22.88 -24.80 -6.41
N THR C 159 -21.56 -24.72 -6.37
CA THR C 159 -20.90 -23.71 -5.52
C THR C 159 -21.15 -22.30 -6.08
N ASP C 160 -21.31 -22.22 -7.39
CA ASP C 160 -21.55 -20.95 -8.08
C ASP C 160 -22.92 -20.33 -7.74
N THR C 161 -23.87 -21.19 -7.41
CA THR C 161 -25.28 -20.82 -7.28
C THR C 161 -25.82 -20.88 -5.89
N ILE C 162 -24.91 -20.80 -4.93
CA ILE C 162 -25.29 -20.73 -3.55
C ILE C 162 -26.25 -19.58 -3.29
N PRO C 163 -27.21 -19.80 -2.36
CA PRO C 163 -27.98 -18.69 -1.92
C PRO C 163 -27.11 -17.80 -1.02
N PHE C 164 -27.48 -16.53 -0.93
CA PHE C 164 -26.74 -15.62 -0.07
C PHE C 164 -27.57 -14.48 0.39
N TYR C 165 -27.11 -13.84 1.46
CA TYR C 165 -27.79 -12.76 2.10
C TYR C 165 -27.00 -11.45 1.90
N VAL C 166 -27.73 -10.37 1.77
CA VAL C 166 -27.18 -9.00 1.82
C VAL C 166 -27.95 -8.20 2.86
N ASP C 167 -27.28 -7.21 3.41
CA ASP C 167 -27.80 -6.37 4.46
C ASP C 167 -26.99 -5.07 4.55
N ASP C 168 -27.56 -4.10 5.25
CA ASP C 168 -26.90 -2.81 5.50
C ASP C 168 -26.30 -2.23 4.24
N VAL C 169 -27.12 -2.14 3.22
CA VAL C 169 -26.74 -1.58 1.94
C VAL C 169 -26.75 -0.08 2.12
N GLN C 170 -25.69 0.60 1.71
CA GLN C 170 -25.57 2.00 1.97
C GLN C 170 -24.83 2.72 0.85
N ILE C 171 -25.26 3.95 0.56
CA ILE C 171 -24.48 4.86 -0.32
C ILE C 171 -24.25 6.16 0.42
N THR C 172 -23.02 6.64 0.37
CA THR C 172 -22.62 7.84 1.07
C THR C 172 -21.95 8.81 0.11
N ALA C 173 -22.12 10.10 0.37
CA ALA C 173 -21.41 11.14 -0.39
C ALA C 173 -19.89 11.12 -0.09
N THR C 174 -19.08 11.62 -1.01
CA THR C 174 -17.57 11.56 -0.87
C THR C 174 -16.86 12.96 -0.77
O1 XYP D . -2.47 -19.06 11.79
C1 XYP D . -2.62 -17.64 11.65
C2 XYP D . -3.37 -17.08 12.87
C3 XYP D . -3.44 -15.55 12.81
C4 XYP D . -2.02 -15.02 12.63
C5 XYP D . -1.38 -15.63 11.45
O2 XYP D . -4.74 -17.54 12.93
O3 XYP D . -3.96 -14.97 13.99
O4 XYP D . -2.08 -13.65 12.36
O5 XYP D . -1.31 -17.02 11.53
C1 XYP D . -0.96 -12.81 12.94
C2 XYP D . -0.76 -11.59 12.00
C3 XYP D . 0.27 -10.69 12.62
C4 XYP D . -0.13 -10.36 14.07
C5 XYP D . -0.45 -11.61 14.91
O2 XYP D . -0.33 -12.07 10.74
O3 XYP D . 0.37 -9.46 11.87
O4 XYP D . 1.03 -9.67 14.57
O5 XYP D . -1.44 -12.35 14.27
C1 XYP E . 0.65 -8.89 15.96
C2 XYP E . 2.04 -8.68 16.56
C3 XYP E . 1.80 -7.63 17.62
C4 XYP E . 1.10 -6.42 17.00
C5 XYP E . -0.20 -6.81 16.31
O2 XYP E . 2.52 -9.97 17.04
O3 XYP E . 3.05 -7.19 18.14
O4 XYP E . 0.79 -5.56 18.08
O5 XYP E . 0.09 -7.76 15.30
CA CA F . 10.29 -10.99 -11.09
C1 XYP G . 23.04 15.19 -9.47
C2 XYP G . 23.62 14.72 -8.13
C3 XYP G . 25.04 15.31 -8.08
C4 XYP G . 25.83 14.94 -9.35
C5 XYP G . 25.05 15.27 -10.61
O2 XYP G . 22.76 15.13 -7.06
O3 XYP G . 25.67 14.81 -6.90
O4 XYP G . 27.04 15.63 -9.34
O5 XYP G . 23.80 14.61 -10.52
O1 XYP H . 16.72 15.37 -11.62
C1 XYP H . 17.89 14.85 -11.00
C2 XYP H . 18.92 14.46 -12.06
C3 XYP H . 20.12 13.86 -11.37
C4 XYP H . 20.63 14.86 -10.37
C5 XYP H . 19.55 15.27 -9.43
O2 XYP H . 18.32 13.54 -12.97
O3 XYP H . 21.17 13.51 -12.28
O4 XYP H . 21.61 14.28 -9.54
O5 XYP H . 18.47 15.83 -10.11
CA CA I . 15.64 17.86 16.06
C1 XYP J . -23.67 -9.84 -16.83
C2 XYP J . -22.97 -10.18 -15.51
C3 XYP J . -21.68 -9.39 -15.52
C4 XYP J . -20.91 -9.65 -16.82
C5 XYP J . -21.75 -9.44 -18.06
O2 XYP J . -23.87 -9.88 -14.44
O3 XYP J . -21.01 -9.80 -14.34
O4 XYP J . -19.81 -8.74 -16.87
O5 XYP J . -22.91 -10.25 -17.95
O1 XYP K . -30.10 -10.43 -18.36
C1 XYP K . -28.83 -10.74 -17.79
C2 XYP K . -27.89 -11.20 -18.92
C3 XYP K . -26.60 -11.66 -18.32
C4 XYP K . -26.05 -10.53 -17.50
C5 XYP K . -27.01 -10.11 -16.48
O2 XYP K . -28.54 -12.30 -19.54
O3 XYP K . -25.67 -11.95 -19.31
O4 XYP K . -24.89 -10.96 -16.83
O5 XYP K . -28.21 -9.66 -17.07
CA CA L . -30.71 -5.95 8.66
#